data_3A44
#
_entry.id   3A44
#
_cell.length_a   56.830
_cell.length_b   97.975
_cell.length_c   136.480
_cell.angle_alpha   90.00
_cell.angle_beta   90.00
_cell.angle_gamma   90.00
#
_symmetry.space_group_name_H-M   'P 21 21 21'
#
loop_
_entity.id
_entity.type
_entity.pdbx_description
1 polymer 'Hydrogenase nickel incorporation protein hypA'
2 non-polymer 'ZINC ION'
#
_entity_poly.entity_id   1
_entity_poly.type   'polypeptide(L)'
_entity_poly.pdbx_seq_one_letter_code
;(FME)HEWALADAIVRTVLDYAQREGASRVKAVRVVLGELQDVAEDIVKFAMEQLFAGTIAEGAEIEFVEEEAVFKCRNC
NYEWKLKEVKDKFDERIKEDIHFIPEVVHAFLACPKCGSHDFEVVKGRGVYVAGIKIEKEGGS
;
_entity_poly.pdbx_strand_id   A,B,C,D
#
# COMPACT_ATOMS: atom_id res chain seq x y z
N HIS A 2 7.90 -34.78 11.27
CA HIS A 2 8.78 -34.25 10.18
C HIS A 2 9.74 -33.19 10.68
N GLU A 3 9.55 -32.75 11.92
CA GLU A 3 10.40 -31.72 12.51
C GLU A 3 11.44 -32.29 13.47
N TRP A 4 11.04 -33.21 14.35
CA TRP A 4 11.95 -33.81 15.32
C TRP A 4 13.30 -34.11 14.68
N ALA A 5 13.30 -34.22 13.36
CA ALA A 5 14.52 -34.47 12.60
C ALA A 5 15.07 -33.12 12.15
N LEU A 6 14.24 -32.35 11.47
CA LEU A 6 14.65 -31.04 11.00
C LEU A 6 15.29 -30.26 12.14
N ALA A 7 14.69 -30.36 13.33
CA ALA A 7 15.21 -29.67 14.49
C ALA A 7 16.51 -30.30 14.99
N ASP A 8 16.73 -31.57 14.66
CA ASP A 8 17.94 -32.26 15.09
C ASP A 8 19.14 -31.89 14.25
N ALA A 9 18.96 -31.83 12.94
CA ALA A 9 20.05 -31.46 12.04
C ALA A 9 20.48 -30.06 12.46
N ILE A 10 19.50 -29.27 12.89
CA ILE A 10 19.73 -27.88 13.31
C ILE A 10 20.46 -27.74 14.65
N VAL A 11 19.99 -28.42 15.68
CA VAL A 11 20.67 -28.30 16.97
C VAL A 11 22.11 -28.78 16.81
N ARG A 12 22.32 -29.76 15.92
CA ARG A 12 23.65 -30.30 15.69
C ARG A 12 24.52 -29.28 14.97
N THR A 13 23.95 -28.55 14.02
CA THR A 13 24.73 -27.56 13.30
C THR A 13 25.10 -26.43 14.27
N VAL A 14 24.12 -25.98 15.06
CA VAL A 14 24.34 -24.92 16.03
C VAL A 14 25.36 -25.34 17.09
N LEU A 15 24.97 -26.30 17.94
CA LEU A 15 25.87 -26.76 18.99
C LEU A 15 27.23 -27.23 18.46
N ASP A 16 27.32 -27.50 17.16
CA ASP A 16 28.60 -27.92 16.59
C ASP A 16 29.44 -26.67 16.40
N TYR A 17 28.76 -25.59 16.04
CA TYR A 17 29.39 -24.30 15.80
C TYR A 17 29.98 -23.69 17.08
N ALA A 18 29.33 -23.95 18.22
CA ALA A 18 29.82 -23.43 19.50
C ALA A 18 31.00 -24.27 19.96
N GLN A 19 31.09 -25.48 19.42
CA GLN A 19 32.18 -26.39 19.76
C GLN A 19 33.47 -25.96 19.09
N ARG A 20 33.42 -25.76 17.77
CA ARG A 20 34.60 -25.35 17.02
C ARG A 20 34.88 -23.86 17.21
N GLU A 21 34.16 -23.23 18.13
CA GLU A 21 34.33 -21.81 18.41
C GLU A 21 34.70 -21.53 19.86
N GLY A 22 34.49 -22.52 20.72
CA GLY A 22 34.81 -22.32 22.13
C GLY A 22 33.96 -21.19 22.70
N ALA A 23 32.66 -21.23 22.40
CA ALA A 23 31.74 -20.23 22.90
C ALA A 23 31.22 -20.64 24.26
N SER A 24 30.77 -19.67 25.03
CA SER A 24 30.26 -19.96 26.37
C SER A 24 28.74 -20.05 26.33
N ARG A 25 28.15 -19.47 25.30
CA ARG A 25 26.70 -19.48 25.19
C ARG A 25 26.18 -19.06 23.81
N VAL A 26 25.09 -19.70 23.41
CA VAL A 26 24.44 -19.41 22.14
C VAL A 26 23.35 -18.40 22.48
N LYS A 27 23.40 -17.23 21.84
CA LYS A 27 22.44 -16.17 22.10
C LYS A 27 21.17 -16.27 21.25
N ALA A 28 21.32 -16.26 19.93
CA ALA A 28 20.18 -16.35 19.04
C ALA A 28 20.47 -17.21 17.82
N VAL A 29 19.41 -17.70 17.17
CA VAL A 29 19.55 -18.53 15.97
C VAL A 29 18.57 -18.13 14.89
N ARG A 30 19.10 -17.77 13.72
CA ARG A 30 18.26 -17.37 12.60
C ARG A 30 18.20 -18.50 11.58
N VAL A 31 16.98 -19.02 11.41
CA VAL A 31 16.73 -20.12 10.49
C VAL A 31 15.87 -19.70 9.31
N VAL A 32 16.34 -20.02 8.10
CA VAL A 32 15.61 -19.68 6.89
C VAL A 32 14.88 -20.91 6.33
N LEU A 33 13.56 -20.81 6.21
CA LEU A 33 12.73 -21.90 5.68
C LEU A 33 12.06 -21.50 4.39
N GLY A 34 11.82 -22.49 3.53
CA GLY A 34 11.18 -22.22 2.26
C GLY A 34 9.67 -22.25 2.34
N GLU A 35 9.02 -21.33 1.61
CA GLU A 35 7.57 -21.25 1.61
C GLU A 35 6.92 -22.46 0.98
N LEU A 36 7.74 -23.31 0.34
CA LEU A 36 7.22 -24.50 -0.29
C LEU A 36 7.31 -25.68 0.68
N GLN A 37 7.89 -25.40 1.84
CA GLN A 37 8.04 -26.41 2.88
C GLN A 37 6.86 -26.34 3.84
N ASP A 38 6.04 -27.38 3.85
CA ASP A 38 4.91 -27.40 4.76
C ASP A 38 5.33 -28.04 6.06
N VAL A 39 5.75 -27.18 6.98
CA VAL A 39 6.18 -27.59 8.31
C VAL A 39 5.60 -26.60 9.30
N ALA A 40 5.19 -27.09 10.47
CA ALA A 40 4.64 -26.19 11.48
C ALA A 40 5.84 -25.50 12.13
N GLU A 41 5.92 -24.19 11.98
CA GLU A 41 7.04 -23.44 12.54
C GLU A 41 7.15 -23.49 14.05
N ASP A 42 6.02 -23.41 14.75
CA ASP A 42 6.04 -23.44 16.21
C ASP A 42 6.53 -24.79 16.78
N ILE A 43 6.30 -25.88 16.04
CA ILE A 43 6.75 -27.18 16.51
C ILE A 43 8.27 -27.19 16.50
N VAL A 44 8.84 -26.91 15.33
CA VAL A 44 10.29 -26.89 15.15
C VAL A 44 10.96 -26.06 16.24
N LYS A 45 10.33 -24.93 16.57
CA LYS A 45 10.87 -24.06 17.61
C LYS A 45 10.78 -24.81 18.95
N PHE A 46 9.60 -25.38 19.22
CA PHE A 46 9.37 -26.15 20.44
C PHE A 46 10.40 -27.27 20.55
N ALA A 47 10.62 -27.98 19.44
CA ALA A 47 11.57 -29.09 19.41
C ALA A 47 13.02 -28.62 19.55
N MET A 48 13.30 -27.42 19.07
CA MET A 48 14.65 -26.85 19.17
C MET A 48 14.92 -26.47 20.62
N GLU A 49 13.91 -25.91 21.29
CA GLU A 49 14.04 -25.49 22.68
C GLU A 49 14.30 -26.70 23.57
N GLN A 50 13.63 -27.81 23.27
CA GLN A 50 13.82 -29.02 24.06
C GLN A 50 15.22 -29.57 23.86
N LEU A 51 15.70 -29.54 22.63
CA LEU A 51 17.04 -30.04 22.34
C LEU A 51 18.11 -29.09 22.90
N PHE A 52 17.71 -27.86 23.20
CA PHE A 52 18.63 -26.86 23.74
C PHE A 52 18.68 -26.85 25.26
N ALA A 53 17.66 -27.43 25.88
CA ALA A 53 17.58 -27.49 27.33
C ALA A 53 18.80 -28.14 27.98
N GLY A 54 19.41 -27.42 28.91
CA GLY A 54 20.58 -27.94 29.62
C GLY A 54 21.91 -27.71 28.92
N THR A 55 21.87 -27.31 27.65
CA THR A 55 23.08 -27.05 26.90
C THR A 55 23.36 -25.55 26.98
N ILE A 56 24.44 -25.10 26.34
CA ILE A 56 24.79 -23.68 26.37
C ILE A 56 23.91 -22.80 25.49
N ALA A 57 23.07 -23.44 24.69
CA ALA A 57 22.17 -22.72 23.79
C ALA A 57 20.79 -22.53 24.41
N GLU A 58 20.62 -23.06 25.63
CA GLU A 58 19.34 -22.94 26.33
C GLU A 58 18.84 -21.49 26.36
N GLY A 59 17.55 -21.30 26.09
CA GLY A 59 16.96 -19.97 26.13
C GLY A 59 17.44 -19.00 25.06
N ALA A 60 17.89 -19.53 23.92
CA ALA A 60 18.37 -18.70 22.81
C ALA A 60 17.22 -18.26 21.91
N GLU A 61 17.14 -16.96 21.64
CA GLU A 61 16.08 -16.42 20.78
C GLU A 61 16.17 -17.05 19.39
N ILE A 62 15.06 -17.58 18.90
CA ILE A 62 15.03 -18.24 17.59
C ILE A 62 14.16 -17.56 16.52
N GLU A 63 14.78 -16.77 15.65
CA GLU A 63 14.04 -16.07 14.59
C GLU A 63 13.94 -16.95 13.34
N PHE A 64 12.78 -16.89 12.68
CA PHE A 64 12.54 -17.68 11.47
C PHE A 64 12.38 -16.78 10.27
N VAL A 65 13.05 -17.14 9.17
CA VAL A 65 12.97 -16.36 7.94
C VAL A 65 12.55 -17.25 6.76
N GLU A 66 11.55 -16.79 6.03
CA GLU A 66 11.02 -17.53 4.89
C GLU A 66 11.88 -17.26 3.65
N GLU A 67 12.07 -18.30 2.84
CA GLU A 67 12.84 -18.20 1.61
C GLU A 67 11.88 -18.37 0.45
N GLU A 68 11.52 -17.24 -0.16
CA GLU A 68 10.58 -17.25 -1.28
C GLU A 68 10.90 -18.34 -2.29
N ALA A 69 9.93 -18.61 -3.15
CA ALA A 69 10.10 -19.63 -4.18
C ALA A 69 10.52 -18.94 -5.47
N VAL A 70 11.41 -19.59 -6.20
CA VAL A 70 11.90 -19.09 -7.47
C VAL A 70 12.02 -20.27 -8.41
N PHE A 71 11.27 -20.25 -9.49
CA PHE A 71 11.29 -21.36 -10.44
C PHE A 71 12.05 -21.07 -11.72
N LYS A 72 12.60 -22.13 -12.30
CA LYS A 72 13.35 -22.03 -13.53
C LYS A 72 12.86 -23.04 -14.55
N CYS A 73 12.22 -22.51 -15.57
CA CYS A 73 11.66 -23.28 -16.66
C CYS A 73 12.70 -24.04 -17.47
N ARG A 74 12.73 -25.36 -17.33
CA ARG A 74 13.70 -26.14 -18.08
C ARG A 74 13.10 -26.45 -19.44
N ASN A 75 12.78 -25.40 -20.17
CA ASN A 75 12.22 -25.51 -21.51
C ASN A 75 12.58 -24.23 -22.26
N CYS A 76 12.53 -23.11 -21.55
CA CYS A 76 12.86 -21.83 -22.13
C CYS A 76 13.83 -21.15 -21.19
N ASN A 77 14.26 -21.90 -20.19
CA ASN A 77 15.25 -21.42 -19.24
C ASN A 77 14.83 -20.13 -18.53
N TYR A 78 13.52 -19.93 -18.38
CA TYR A 78 13.01 -18.72 -17.73
C TYR A 78 12.76 -18.84 -16.23
N GLU A 79 13.36 -17.91 -15.48
CA GLU A 79 13.23 -17.87 -14.03
C GLU A 79 12.17 -16.85 -13.64
N TRP A 80 11.36 -17.20 -12.63
CA TRP A 80 10.31 -16.32 -12.15
C TRP A 80 9.97 -16.59 -10.70
N LYS A 81 9.60 -15.53 -9.98
CA LYS A 81 9.24 -15.65 -8.57
C LYS A 81 7.73 -15.63 -8.40
N LEU A 82 7.22 -16.53 -7.58
CA LEU A 82 5.78 -16.63 -7.32
C LEU A 82 5.05 -15.30 -7.17
N LYS A 83 5.67 -14.33 -6.49
CA LYS A 83 5.04 -13.04 -6.29
C LYS A 83 4.66 -12.36 -7.59
N GLU A 84 5.07 -12.95 -8.72
CA GLU A 84 4.76 -12.38 -10.02
C GLU A 84 3.54 -13.04 -10.67
N VAL A 85 3.18 -14.22 -10.20
CA VAL A 85 2.02 -14.93 -10.74
C VAL A 85 0.89 -14.78 -9.75
N LYS A 86 1.24 -14.55 -8.48
CA LYS A 86 0.26 -14.37 -7.44
C LYS A 86 -0.27 -12.94 -7.59
N ASP A 87 0.65 -11.99 -7.56
CA ASP A 87 0.31 -10.58 -7.70
C ASP A 87 -0.47 -10.25 -8.97
N LYS A 88 -0.51 -11.18 -9.91
CA LYS A 88 -1.22 -10.93 -11.16
C LYS A 88 -2.71 -11.22 -11.10
N PHE A 89 -3.08 -12.29 -10.39
CA PHE A 89 -4.49 -12.60 -10.24
C PHE A 89 -5.04 -11.40 -9.50
N ASP A 90 -4.25 -10.88 -8.56
CA ASP A 90 -4.63 -9.73 -7.76
C ASP A 90 -4.91 -8.51 -8.64
N GLU A 91 -4.00 -8.21 -9.57
CA GLU A 91 -4.16 -7.06 -10.45
C GLU A 91 -5.28 -7.25 -11.49
N ARG A 92 -5.56 -8.49 -11.85
CA ARG A 92 -6.61 -8.79 -12.82
C ARG A 92 -7.97 -9.05 -12.17
N ILE A 93 -7.97 -9.18 -10.85
CA ILE A 93 -9.19 -9.40 -10.10
C ILE A 93 -9.67 -8.04 -9.61
N LYS A 94 -8.72 -7.13 -9.42
CA LYS A 94 -9.00 -5.78 -8.93
C LYS A 94 -9.61 -4.89 -10.01
N GLU A 95 -9.40 -5.27 -11.27
CA GLU A 95 -9.90 -4.50 -12.40
C GLU A 95 -11.40 -4.62 -12.59
N ASP A 96 -11.90 -5.84 -12.53
CA ASP A 96 -13.32 -6.13 -12.70
C ASP A 96 -14.21 -5.05 -12.05
N ILE A 97 -15.34 -4.77 -12.67
CA ILE A 97 -16.27 -3.79 -12.13
C ILE A 97 -16.83 -4.35 -10.83
N HIS A 98 -17.21 -5.62 -10.87
CA HIS A 98 -17.77 -6.34 -9.75
C HIS A 98 -16.87 -6.40 -8.51
N PHE A 99 -15.66 -5.86 -8.59
CA PHE A 99 -14.70 -5.88 -7.48
C PHE A 99 -15.01 -4.94 -6.33
N ILE A 100 -14.84 -3.65 -6.57
CA ILE A 100 -15.08 -2.64 -5.56
C ILE A 100 -16.43 -2.81 -4.87
N PRO A 101 -17.45 -3.30 -5.61
CA PRO A 101 -18.76 -3.50 -5.00
C PRO A 101 -18.87 -4.86 -4.31
N GLU A 102 -18.07 -5.82 -4.76
CA GLU A 102 -18.10 -7.15 -4.14
C GLU A 102 -17.12 -7.20 -2.98
N VAL A 103 -16.18 -6.26 -2.98
CA VAL A 103 -15.22 -6.20 -1.88
C VAL A 103 -16.05 -5.75 -0.69
N VAL A 104 -16.97 -4.83 -0.94
CA VAL A 104 -17.83 -4.32 0.12
C VAL A 104 -18.76 -5.41 0.68
N HIS A 105 -19.39 -6.20 -0.19
CA HIS A 105 -20.29 -7.26 0.27
C HIS A 105 -19.52 -8.33 1.05
N ALA A 106 -18.24 -8.51 0.74
CA ALA A 106 -17.44 -9.52 1.40
C ALA A 106 -16.73 -9.04 2.66
N PHE A 107 -16.49 -7.73 2.76
CA PHE A 107 -15.80 -7.18 3.91
C PHE A 107 -16.67 -6.31 4.81
N LEU A 108 -17.29 -5.29 4.24
CA LEU A 108 -18.09 -4.41 5.07
C LEU A 108 -19.48 -4.97 5.19
N ALA A 109 -19.58 -6.12 5.83
CA ALA A 109 -20.84 -6.81 6.00
C ALA A 109 -20.63 -7.78 7.13
N CYS A 110 -21.73 -8.29 7.67
CA CYS A 110 -21.63 -9.26 8.72
C CYS A 110 -22.28 -10.49 8.18
N PRO A 111 -21.54 -11.58 8.12
CA PRO A 111 -22.06 -12.81 7.54
C PRO A 111 -23.38 -13.24 8.14
N LYS A 112 -23.56 -12.85 9.39
CA LYS A 112 -24.75 -13.20 10.17
C LYS A 112 -26.10 -12.61 9.78
N CYS A 113 -26.09 -11.35 9.41
CA CYS A 113 -27.30 -10.62 9.05
C CYS A 113 -27.13 -9.98 7.70
N GLY A 114 -26.21 -9.03 7.70
CA GLY A 114 -25.87 -8.21 6.56
C GLY A 114 -25.18 -7.03 7.20
N SER A 115 -25.93 -6.28 7.98
CA SER A 115 -25.39 -5.15 8.70
C SER A 115 -24.34 -4.43 7.87
N HIS A 116 -23.60 -3.53 8.51
CA HIS A 116 -22.55 -2.78 7.85
C HIS A 116 -21.92 -1.95 8.96
N ASP A 117 -22.46 -2.15 10.16
CA ASP A 117 -22.00 -1.46 11.35
C ASP A 117 -21.46 -2.49 12.34
N PHE A 118 -20.16 -2.77 12.23
CA PHE A 118 -19.51 -3.71 13.12
C PHE A 118 -18.34 -3.00 13.78
N GLU A 119 -17.81 -3.59 14.85
CA GLU A 119 -16.70 -2.99 15.59
C GLU A 119 -15.47 -3.90 15.51
N VAL A 120 -14.28 -3.32 15.54
CA VAL A 120 -13.06 -4.11 15.48
C VAL A 120 -12.41 -4.31 16.84
N VAL A 121 -12.09 -5.57 17.13
CA VAL A 121 -11.46 -5.93 18.39
C VAL A 121 -9.94 -5.95 18.21
N LYS A 122 -9.41 -7.04 17.68
CA LYS A 122 -7.97 -7.15 17.44
C LYS A 122 -7.68 -6.99 15.96
N GLY A 123 -6.92 -5.96 15.60
CA GLY A 123 -6.61 -5.76 14.20
C GLY A 123 -5.75 -4.52 14.01
N ARG A 124 -6.40 -3.37 13.87
CA ARG A 124 -5.69 -2.11 13.68
C ARG A 124 -4.80 -1.80 14.87
N GLY A 125 -3.69 -1.12 14.59
CA GLY A 125 -2.78 -0.73 15.66
C GLY A 125 -1.53 -1.56 15.84
N VAL A 126 -0.48 -0.88 16.31
CA VAL A 126 0.79 -1.52 16.60
C VAL A 126 1.08 -1.07 18.01
N TYR A 127 1.30 -2.01 18.89
CA TYR A 127 1.54 -1.67 20.27
C TYR A 127 2.69 -2.46 20.86
N VAL A 128 3.56 -1.78 21.59
CA VAL A 128 4.70 -2.43 22.21
C VAL A 128 4.19 -3.42 23.25
N ALA A 129 4.42 -4.70 23.00
CA ALA A 129 3.95 -5.73 23.92
C ALA A 129 4.90 -6.03 25.05
N GLY A 130 6.16 -5.66 24.89
CA GLY A 130 7.14 -5.93 25.94
C GLY A 130 8.47 -5.24 25.73
N ILE A 131 9.03 -4.75 26.83
CA ILE A 131 10.32 -4.05 26.79
C ILE A 131 11.23 -4.61 27.88
N LYS A 132 12.37 -5.17 27.46
CA LYS A 132 13.33 -5.74 28.40
C LYS A 132 14.43 -4.72 28.72
N ILE A 133 14.68 -4.53 30.02
CA ILE A 133 15.67 -3.57 30.47
C ILE A 133 16.70 -4.14 31.42
N GLU A 134 17.51 -3.23 31.96
CA GLU A 134 18.55 -3.56 32.93
C GLU A 134 18.63 -2.34 33.85
N LYS A 135 18.58 -2.59 35.16
CA LYS A 135 18.64 -1.52 36.14
C LYS A 135 19.73 -1.71 37.17
N GLU A 136 20.18 -0.60 37.75
CA GLU A 136 21.20 -0.62 38.78
C GLU A 136 20.76 0.40 39.81
N GLY A 137 19.66 0.11 40.49
CA GLY A 137 19.14 1.02 41.49
C GLY A 137 19.30 0.57 42.93
N GLY A 138 19.77 1.47 43.78
CA GLY A 138 19.94 1.13 45.18
C GLY A 138 21.00 1.97 45.89
N HIS B 2 4.79 5.45 5.81
CA HIS B 2 3.82 5.00 6.79
C HIS B 2 4.53 4.19 7.86
N GLU B 3 5.82 3.95 7.65
CA GLU B 3 6.63 3.17 8.58
C GLU B 3 7.47 4.03 9.51
N TRP B 4 7.45 5.34 9.31
CA TRP B 4 8.21 6.19 10.21
C TRP B 4 7.30 6.45 11.40
N ALA B 5 6.19 7.14 11.17
CA ALA B 5 5.25 7.46 12.23
C ALA B 5 5.11 6.27 13.17
N LEU B 6 5.22 5.07 12.58
CA LEU B 6 5.13 3.82 13.32
C LEU B 6 6.33 3.56 14.21
N ALA B 7 7.48 4.10 13.82
CA ALA B 7 8.71 3.93 14.59
C ALA B 7 8.89 5.07 15.60
N ASP B 8 8.32 6.24 15.30
CA ASP B 8 8.40 7.40 16.20
C ASP B 8 7.59 7.08 17.44
N ALA B 9 6.43 6.49 17.21
CA ALA B 9 5.57 6.10 18.32
C ALA B 9 6.28 5.04 19.13
N ILE B 10 6.54 3.89 18.50
CA ILE B 10 7.20 2.78 19.16
C ILE B 10 8.57 3.11 19.71
N VAL B 11 9.23 4.14 19.20
CA VAL B 11 10.54 4.48 19.76
C VAL B 11 10.35 5.49 20.88
N ARG B 12 9.22 6.19 20.87
CA ARG B 12 8.96 7.14 21.94
C ARG B 12 8.35 6.37 23.10
N THR B 13 7.56 5.36 22.79
CA THR B 13 6.92 4.53 23.80
C THR B 13 7.97 3.77 24.61
N VAL B 14 9.01 3.32 23.92
CA VAL B 14 10.08 2.56 24.55
C VAL B 14 11.03 3.42 25.37
N LEU B 15 11.33 4.62 24.88
CA LEU B 15 12.24 5.48 25.62
C LEU B 15 11.54 6.22 26.76
N ASP B 16 10.20 6.20 26.77
CA ASP B 16 9.44 6.84 27.84
C ASP B 16 9.38 5.89 29.02
N TYR B 17 9.34 4.61 28.72
CA TYR B 17 9.28 3.57 29.74
C TYR B 17 10.63 3.46 30.43
N ALA B 18 11.67 3.18 29.65
CA ALA B 18 13.01 3.05 30.18
C ALA B 18 13.41 4.25 31.04
N GLN B 19 13.03 5.45 30.60
CA GLN B 19 13.35 6.67 31.34
C GLN B 19 12.67 6.73 32.68
N ARG B 20 11.36 6.44 32.72
CA ARG B 20 10.62 6.47 33.97
C ARG B 20 10.89 5.21 34.79
N GLU B 21 11.91 4.46 34.37
CA GLU B 21 12.30 3.22 35.04
C GLU B 21 13.76 3.27 35.48
N GLY B 22 14.45 4.34 35.11
CA GLY B 22 15.85 4.47 35.47
C GLY B 22 16.66 3.29 35.01
N ALA B 23 16.40 2.82 33.79
CA ALA B 23 17.11 1.68 33.23
C ALA B 23 18.46 2.11 32.66
N SER B 24 19.42 1.21 32.69
CA SER B 24 20.75 1.51 32.17
C SER B 24 20.87 1.10 30.71
N ARG B 25 19.87 0.39 30.21
CA ARG B 25 19.88 -0.04 28.82
C ARG B 25 18.65 -0.85 28.46
N VAL B 26 18.16 -0.67 27.25
CA VAL B 26 17.01 -1.42 26.77
C VAL B 26 17.61 -2.57 25.96
N LYS B 27 17.29 -3.79 26.35
CA LYS B 27 17.85 -4.96 25.70
C LYS B 27 16.97 -5.55 24.58
N ALA B 28 15.66 -5.54 24.79
CA ALA B 28 14.74 -6.09 23.79
C ALA B 28 13.42 -5.32 23.72
N VAL B 29 12.76 -5.41 22.57
CA VAL B 29 11.49 -4.73 22.34
C VAL B 29 10.58 -5.60 21.46
N ARG B 30 9.47 -6.07 22.02
CA ARG B 30 8.56 -6.90 21.26
C ARG B 30 7.44 -6.01 20.74
N VAL B 31 7.12 -6.16 19.46
CA VAL B 31 6.10 -5.36 18.86
C VAL B 31 5.03 -6.26 18.26
N VAL B 32 3.79 -5.83 18.36
CA VAL B 32 2.70 -6.62 17.83
C VAL B 32 2.05 -5.77 16.75
N LEU B 33 1.69 -6.39 15.63
CA LEU B 33 1.07 -5.68 14.53
C LEU B 33 -0.20 -6.38 14.08
N GLY B 34 -1.25 -5.61 13.87
CA GLY B 34 -2.48 -6.23 13.42
C GLY B 34 -2.31 -6.69 12.00
N GLU B 35 -2.88 -7.85 11.69
CA GLU B 35 -2.75 -8.37 10.34
C GLU B 35 -3.44 -7.43 9.35
N LEU B 36 -3.93 -6.31 9.84
CA LEU B 36 -4.57 -5.34 8.97
C LEU B 36 -3.60 -4.26 8.53
N GLN B 37 -2.38 -4.33 9.05
CA GLN B 37 -1.36 -3.35 8.71
C GLN B 37 -0.61 -3.66 7.41
N ASP B 38 -0.68 -2.72 6.47
CA ASP B 38 -0.04 -2.88 5.16
C ASP B 38 1.39 -2.38 5.16
N VAL B 39 2.02 -2.34 6.34
CA VAL B 39 3.39 -1.87 6.46
C VAL B 39 4.43 -2.97 6.35
N ALA B 40 5.63 -2.61 5.87
CA ALA B 40 6.75 -3.53 5.71
C ALA B 40 7.64 -3.46 6.94
N GLU B 41 7.59 -4.50 7.76
CA GLU B 41 8.33 -4.56 9.01
C GLU B 41 9.84 -4.23 9.01
N ASP B 42 10.56 -4.58 7.95
CA ASP B 42 12.00 -4.29 7.94
C ASP B 42 12.29 -2.79 7.80
N ILE B 43 11.34 -2.03 7.27
CA ILE B 43 11.53 -0.59 7.13
C ILE B 43 11.36 0.00 8.52
N VAL B 44 10.52 -0.65 9.32
CA VAL B 44 10.24 -0.22 10.68
C VAL B 44 11.46 -0.49 11.56
N LYS B 45 12.15 -1.58 11.27
CA LYS B 45 13.35 -1.92 12.01
C LYS B 45 14.40 -0.88 11.58
N PHE B 46 14.50 -0.67 10.27
CA PHE B 46 15.43 0.31 9.73
C PHE B 46 15.23 1.62 10.50
N ALA B 47 13.96 2.06 10.56
CA ALA B 47 13.58 3.29 11.22
C ALA B 47 13.82 3.28 12.73
N MET B 48 13.43 2.20 13.40
CA MET B 48 13.63 2.09 14.83
C MET B 48 15.11 2.11 15.18
N GLU B 49 15.84 1.11 14.68
CA GLU B 49 17.27 0.99 14.93
C GLU B 49 17.95 2.35 14.75
N GLN B 50 17.53 3.10 13.74
CA GLN B 50 18.11 4.41 13.47
C GLN B 50 17.75 5.45 14.53
N LEU B 51 16.53 5.40 15.03
CA LEU B 51 16.07 6.37 16.04
C LEU B 51 16.62 6.08 17.43
N PHE B 52 17.04 4.85 17.67
CA PHE B 52 17.59 4.45 18.96
C PHE B 52 19.05 4.85 19.07
N ALA B 53 19.70 5.02 17.92
CA ALA B 53 21.11 5.39 17.88
C ALA B 53 21.44 6.52 18.85
N GLY B 54 22.46 6.28 19.69
CA GLY B 54 22.87 7.30 20.64
C GLY B 54 21.99 7.39 21.87
N THR B 55 21.21 6.34 22.11
CA THR B 55 20.32 6.28 23.27
C THR B 55 20.53 4.93 23.94
N ILE B 56 19.98 4.78 25.14
CA ILE B 56 20.14 3.54 25.90
C ILE B 56 19.42 2.36 25.25
N ALA B 57 18.79 2.59 24.10
CA ALA B 57 18.08 1.53 23.42
C ALA B 57 18.90 0.95 22.28
N GLU B 58 20.15 1.38 22.18
CA GLU B 58 21.03 0.91 21.12
C GLU B 58 21.29 -0.58 21.32
N GLY B 59 21.35 -1.32 20.21
CA GLY B 59 21.59 -2.75 20.28
C GLY B 59 20.46 -3.50 20.97
N ALA B 60 19.22 -3.12 20.66
CA ALA B 60 18.07 -3.76 21.26
C ALA B 60 17.37 -4.71 20.30
N GLU B 61 17.41 -6.00 20.62
CA GLU B 61 16.77 -7.01 19.79
C GLU B 61 15.32 -6.63 19.57
N ILE B 62 14.88 -6.62 18.32
CA ILE B 62 13.51 -6.25 17.98
C ILE B 62 12.72 -7.39 17.37
N GLU B 63 11.71 -7.87 18.09
CA GLU B 63 10.86 -8.94 17.60
C GLU B 63 9.52 -8.34 17.20
N PHE B 64 8.84 -8.98 16.24
CA PHE B 64 7.53 -8.52 15.78
C PHE B 64 6.57 -9.69 15.87
N VAL B 65 5.34 -9.40 16.26
CA VAL B 65 4.34 -10.44 16.37
C VAL B 65 3.06 -9.93 15.73
N GLU B 66 2.29 -10.82 15.14
CA GLU B 66 1.06 -10.41 14.49
C GLU B 66 -0.10 -10.60 15.47
N GLU B 67 -1.08 -9.71 15.38
CA GLU B 67 -2.25 -9.79 16.23
C GLU B 67 -3.41 -10.16 15.32
N GLU B 68 -3.82 -11.42 15.36
CA GLU B 68 -4.91 -11.89 14.51
C GLU B 68 -6.00 -10.83 14.52
N ALA B 69 -6.67 -10.68 13.38
CA ALA B 69 -7.73 -9.70 13.26
C ALA B 69 -9.07 -10.36 13.56
N VAL B 70 -9.93 -9.66 14.29
CA VAL B 70 -11.27 -10.14 14.62
C VAL B 70 -12.20 -8.95 14.85
N PHE B 71 -13.47 -9.13 14.53
CA PHE B 71 -14.45 -8.05 14.70
C PHE B 71 -15.78 -8.58 15.22
N LYS B 72 -16.60 -7.69 15.78
CA LYS B 72 -17.89 -8.08 16.33
C LYS B 72 -19.01 -7.23 15.71
N CYS B 73 -20.21 -7.78 15.61
CA CYS B 73 -21.34 -7.03 15.04
C CYS B 73 -22.22 -6.59 16.19
N ARG B 74 -22.48 -5.28 16.26
CA ARG B 74 -23.30 -4.75 17.33
C ARG B 74 -24.74 -5.23 17.21
N ASN B 75 -25.25 -5.25 15.99
CA ASN B 75 -26.63 -5.64 15.74
C ASN B 75 -27.01 -7.13 15.96
N CYS B 76 -26.09 -8.06 15.71
CA CYS B 76 -26.38 -9.50 15.92
C CYS B 76 -25.49 -10.05 16.99
N ASN B 77 -24.40 -9.33 17.19
CA ASN B 77 -23.44 -9.71 18.19
C ASN B 77 -22.52 -10.80 17.63
N TYR B 78 -22.80 -11.25 16.41
CA TYR B 78 -21.97 -12.27 15.77
C TYR B 78 -20.55 -11.75 15.68
N GLU B 79 -19.64 -12.46 16.34
CA GLU B 79 -18.23 -12.10 16.35
C GLU B 79 -17.53 -13.01 15.35
N TRP B 80 -16.59 -12.47 14.57
CA TRP B 80 -15.88 -13.26 13.57
C TRP B 80 -14.45 -12.83 13.30
N LYS B 81 -13.67 -13.72 12.70
CA LYS B 81 -12.28 -13.43 12.34
C LYS B 81 -12.20 -13.10 10.86
N LEU B 82 -11.08 -12.52 10.44
CA LEU B 82 -10.88 -12.12 9.05
C LEU B 82 -11.12 -13.27 8.09
N LYS B 83 -10.36 -14.35 8.30
CA LYS B 83 -10.43 -15.56 7.49
C LYS B 83 -11.82 -15.87 6.93
N GLU B 84 -12.84 -15.85 7.79
CA GLU B 84 -14.20 -16.14 7.34
C GLU B 84 -14.53 -15.26 6.14
N VAL B 85 -14.19 -13.99 6.25
CA VAL B 85 -14.43 -13.00 5.21
C VAL B 85 -13.69 -13.31 3.90
N LYS B 86 -12.44 -13.75 3.99
CA LYS B 86 -11.64 -14.07 2.81
C LYS B 86 -12.22 -15.20 1.97
N ASP B 87 -12.70 -16.26 2.61
CA ASP B 87 -13.28 -17.40 1.89
C ASP B 87 -14.61 -17.03 1.27
N LYS B 88 -15.37 -16.17 1.95
CA LYS B 88 -16.66 -15.73 1.45
C LYS B 88 -16.42 -14.92 0.18
N PHE B 89 -15.26 -14.24 0.16
CA PHE B 89 -14.88 -13.43 -0.99
C PHE B 89 -14.21 -14.29 -2.05
N ASP B 90 -13.34 -15.19 -1.62
CA ASP B 90 -12.64 -16.07 -2.55
C ASP B 90 -13.60 -16.92 -3.37
N GLU B 91 -14.73 -17.29 -2.79
CA GLU B 91 -15.68 -18.12 -3.50
C GLU B 91 -16.66 -17.34 -4.37
N ARG B 92 -16.34 -16.07 -4.60
CA ARG B 92 -17.15 -15.21 -5.46
C ARG B 92 -16.19 -14.87 -6.61
N ILE B 93 -14.95 -15.34 -6.45
CA ILE B 93 -13.88 -15.19 -7.44
C ILE B 93 -13.91 -16.53 -8.17
N LYS B 94 -14.59 -17.48 -7.55
CA LYS B 94 -14.73 -18.82 -8.09
C LYS B 94 -15.91 -18.85 -9.06
N GLU B 95 -16.86 -17.93 -8.88
CA GLU B 95 -18.03 -17.85 -9.75
C GLU B 95 -17.60 -17.17 -11.05
N ASP B 96 -16.51 -16.42 -10.97
CA ASP B 96 -15.95 -15.71 -12.12
C ASP B 96 -15.32 -16.70 -13.09
N ILE B 97 -15.57 -17.98 -12.85
CA ILE B 97 -15.02 -19.06 -13.69
C ILE B 97 -13.51 -18.91 -13.86
N HIS B 98 -12.84 -18.52 -12.79
CA HIS B 98 -11.40 -18.31 -12.79
C HIS B 98 -10.61 -19.62 -12.69
N VAL B 103 -6.82 -19.90 -14.42
CA VAL B 103 -6.28 -19.64 -13.08
C VAL B 103 -5.38 -20.77 -12.62
N VAL B 104 -5.78 -22.01 -12.87
CA VAL B 104 -5.01 -23.18 -12.47
C VAL B 104 -3.77 -23.35 -13.35
N HIS B 105 -3.97 -23.26 -14.66
CA HIS B 105 -2.88 -23.40 -15.61
C HIS B 105 -1.85 -22.28 -15.43
N ALA B 106 -2.29 -21.14 -14.91
CA ALA B 106 -1.43 -19.99 -14.69
C ALA B 106 -0.44 -20.17 -13.54
N PHE B 107 -0.88 -20.84 -12.47
CA PHE B 107 -0.01 -21.07 -11.32
C PHE B 107 0.81 -22.34 -11.45
N LEU B 108 0.60 -23.07 -12.55
CA LEU B 108 1.33 -24.31 -12.77
C LEU B 108 2.11 -24.35 -14.07
N ALA B 109 2.48 -23.19 -14.60
CA ALA B 109 3.22 -23.16 -15.86
C ALA B 109 4.00 -21.87 -16.04
N CYS B 110 5.24 -22.03 -16.50
CA CYS B 110 6.11 -20.89 -16.75
C CYS B 110 5.38 -19.85 -17.56
N PRO B 111 5.36 -18.60 -17.08
CA PRO B 111 4.67 -17.54 -17.82
C PRO B 111 5.17 -17.27 -19.25
N LYS B 112 6.48 -17.34 -19.50
CA LYS B 112 7.02 -17.08 -20.84
C LYS B 112 6.44 -18.05 -21.84
N CYS B 113 6.88 -19.30 -21.79
CA CYS B 113 6.34 -20.29 -22.72
C CYS B 113 5.22 -21.04 -22.03
N GLY B 114 4.52 -21.89 -22.76
CA GLY B 114 3.44 -22.65 -22.16
C GLY B 114 4.05 -23.42 -21.02
N SER B 115 5.25 -23.93 -21.27
CA SER B 115 5.98 -24.70 -20.28
C SER B 115 5.17 -25.76 -19.64
N HIS B 116 5.07 -25.62 -18.31
CA HIS B 116 4.32 -26.54 -17.48
C HIS B 116 5.28 -27.55 -16.85
N ASP B 117 6.56 -27.43 -17.22
CA ASP B 117 7.62 -28.29 -16.69
C ASP B 117 8.75 -27.39 -16.21
N PHE B 118 9.01 -27.39 -14.91
CA PHE B 118 10.04 -26.49 -14.38
C PHE B 118 10.98 -27.05 -13.32
N GLU B 119 11.63 -26.12 -12.62
CA GLU B 119 12.60 -26.41 -11.58
C GLU B 119 12.45 -25.41 -10.43
N VAL B 120 12.72 -25.86 -9.22
CA VAL B 120 12.61 -24.99 -8.05
C VAL B 120 13.98 -24.47 -7.64
N VAL B 121 14.38 -23.33 -8.19
CA VAL B 121 15.66 -22.73 -7.86
C VAL B 121 15.69 -22.43 -6.36
N LYS B 122 14.71 -21.65 -5.90
CA LYS B 122 14.61 -21.32 -4.47
C LYS B 122 13.21 -21.65 -4.01
N GLY B 123 13.11 -22.44 -2.94
CA GLY B 123 11.79 -22.80 -2.44
C GLY B 123 11.88 -23.65 -1.21
N ARG B 124 11.95 -24.96 -1.39
CA ARG B 124 12.00 -25.89 -0.27
C ARG B 124 13.41 -26.08 0.32
N GLY B 125 13.95 -25.02 0.91
CA GLY B 125 15.27 -25.10 1.51
C GLY B 125 15.18 -24.75 2.98
N VAL B 126 16.07 -25.29 3.81
CA VAL B 126 16.05 -25.01 5.25
C VAL B 126 17.43 -25.11 5.90
N TYR B 127 18.15 -23.99 5.94
CA TYR B 127 19.47 -23.95 6.56
C TYR B 127 19.50 -22.99 7.73
N VAL B 128 20.70 -22.65 8.20
CA VAL B 128 20.88 -21.76 9.32
C VAL B 128 21.67 -20.53 8.87
N ALA B 129 20.95 -19.47 8.50
CA ALA B 129 21.56 -18.24 8.01
C ALA B 129 22.43 -17.45 9.00
N GLY B 130 22.42 -17.79 10.28
CA GLY B 130 23.24 -17.05 11.21
C GLY B 130 23.08 -17.37 12.69
N ILE B 131 24.19 -17.37 13.41
CA ILE B 131 24.18 -17.67 14.83
C ILE B 131 24.93 -16.61 15.62
N LYS B 132 24.36 -16.20 16.75
CA LYS B 132 24.95 -15.19 17.61
C LYS B 132 25.42 -15.87 18.89
N ILE B 133 26.72 -15.79 19.20
CA ILE B 133 27.23 -16.42 20.41
C ILE B 133 28.11 -15.50 21.24
N GLU B 134 28.66 -16.06 22.32
CA GLU B 134 29.56 -15.33 23.21
C GLU B 134 30.82 -16.13 23.50
N LYS B 135 31.96 -15.45 23.50
CA LYS B 135 33.25 -16.09 23.75
C LYS B 135 34.08 -15.39 24.80
N GLU B 136 35.31 -15.88 24.94
CA GLU B 136 36.30 -15.33 25.86
C GLU B 136 37.61 -15.19 25.09
N HIS C 2 3.49 21.42 -28.22
CA HIS C 2 3.49 22.17 -26.93
C HIS C 2 2.08 22.48 -26.43
N GLU C 3 1.93 22.56 -25.11
CA GLU C 3 0.66 22.82 -24.45
C GLU C 3 -0.25 23.89 -25.06
N TRP C 4 0.33 24.82 -25.82
CA TRP C 4 -0.46 25.87 -26.44
C TRP C 4 -1.13 25.39 -27.72
N ALA C 5 -0.36 24.71 -28.57
CA ALA C 5 -0.90 24.18 -29.83
C ALA C 5 -1.82 23.03 -29.50
N LEU C 6 -1.64 22.48 -28.31
CA LEU C 6 -2.44 21.35 -27.83
C LEU C 6 -3.79 21.86 -27.34
N ALA C 7 -3.77 22.95 -26.58
CA ALA C 7 -4.99 23.55 -26.06
C ALA C 7 -5.79 24.19 -27.19
N ASP C 8 -5.09 24.64 -28.22
CA ASP C 8 -5.70 25.28 -29.38
C ASP C 8 -6.48 24.33 -30.28
N ALA C 9 -6.04 23.07 -30.34
CA ALA C 9 -6.71 22.06 -31.17
C ALA C 9 -7.88 21.42 -30.44
N ILE C 10 -7.73 21.30 -29.12
CA ILE C 10 -8.78 20.72 -28.29
C ILE C 10 -9.97 21.68 -28.28
N VAL C 11 -9.70 22.95 -27.97
CA VAL C 11 -10.74 23.97 -27.93
C VAL C 11 -11.47 24.09 -29.27
N ARG C 12 -10.79 23.77 -30.36
CA ARG C 12 -11.41 23.86 -31.68
C ARG C 12 -12.35 22.69 -31.91
N THR C 13 -11.99 21.53 -31.37
CA THR C 13 -12.81 20.33 -31.51
C THR C 13 -14.08 20.46 -30.66
N VAL C 14 -13.92 21.03 -29.47
CA VAL C 14 -15.00 21.24 -28.53
C VAL C 14 -16.03 22.24 -29.06
N LEU C 15 -15.58 23.46 -29.32
CA LEU C 15 -16.44 24.51 -29.83
C LEU C 15 -17.06 24.09 -31.17
N ASP C 16 -16.27 23.42 -32.02
CA ASP C 16 -16.77 22.96 -33.31
C ASP C 16 -17.99 22.09 -33.08
N TYR C 17 -17.86 21.18 -32.11
CA TYR C 17 -18.93 20.26 -31.74
C TYR C 17 -20.13 20.98 -31.17
N ALA C 18 -19.88 21.87 -30.21
CA ALA C 18 -20.95 22.64 -29.61
C ALA C 18 -21.72 23.33 -30.73
N GLN C 19 -20.96 23.98 -31.62
CA GLN C 19 -21.53 24.69 -32.76
C GLN C 19 -22.53 23.82 -33.52
N ARG C 20 -22.05 22.73 -34.09
CA ARG C 20 -22.92 21.83 -34.87
C ARG C 20 -23.89 21.06 -33.97
N GLU C 21 -24.17 21.61 -32.80
CA GLU C 21 -25.10 21.00 -31.85
C GLU C 21 -25.99 22.06 -31.23
N GLY C 22 -25.86 23.28 -31.73
CA GLY C 22 -26.66 24.39 -31.23
C GLY C 22 -26.73 24.38 -29.71
N ALA C 23 -25.65 23.95 -29.08
CA ALA C 23 -25.60 23.92 -27.62
C ALA C 23 -25.61 25.37 -27.15
N SER C 24 -26.09 25.60 -25.94
CA SER C 24 -26.16 26.94 -25.39
C SER C 24 -25.00 27.15 -24.42
N ARG C 25 -24.31 26.07 -24.09
CA ARG C 25 -23.21 26.15 -23.15
C ARG C 25 -22.49 24.81 -23.04
N VAL C 26 -21.19 24.86 -22.77
CA VAL C 26 -20.38 23.65 -22.63
C VAL C 26 -20.02 23.49 -21.16
N LYS C 27 -20.64 22.52 -20.53
CA LYS C 27 -20.45 22.23 -19.11
C LYS C 27 -19.10 21.62 -18.75
N ALA C 28 -18.68 20.60 -19.50
CA ALA C 28 -17.41 19.95 -19.20
C ALA C 28 -16.77 19.30 -20.41
N VAL C 29 -15.48 19.01 -20.28
CA VAL C 29 -14.69 18.38 -21.33
C VAL C 29 -13.73 17.34 -20.75
N ARG C 30 -13.73 16.14 -21.31
CA ARG C 30 -12.85 15.08 -20.85
C ARG C 30 -11.77 14.83 -21.89
N VAL C 31 -10.52 15.13 -21.53
CA VAL C 31 -9.41 14.95 -22.46
C VAL C 31 -8.48 13.82 -22.06
N VAL C 32 -8.04 13.06 -23.06
CA VAL C 32 -7.15 11.93 -22.86
C VAL C 32 -5.74 12.24 -23.37
N LEU C 33 -4.74 12.05 -22.51
CA LEU C 33 -3.36 12.31 -22.88
C LEU C 33 -2.49 11.09 -22.63
N GLY C 34 -1.76 10.66 -23.66
CA GLY C 34 -0.89 9.50 -23.53
C GLY C 34 0.22 9.64 -22.52
N GLU C 35 0.42 8.60 -21.72
CA GLU C 35 1.47 8.58 -20.71
C GLU C 35 2.82 8.95 -21.32
N LEU C 36 2.87 8.97 -22.65
CA LEU C 36 4.10 9.30 -23.35
C LEU C 36 4.22 10.78 -23.69
N GLN C 37 3.15 11.54 -23.45
CA GLN C 37 3.17 12.97 -23.71
C GLN C 37 3.99 13.67 -22.63
N ASP C 38 4.90 14.53 -23.05
CA ASP C 38 5.75 15.24 -22.11
C ASP C 38 5.26 16.66 -21.84
N VAL C 39 3.98 16.89 -22.09
CA VAL C 39 3.39 18.20 -21.87
C VAL C 39 2.97 18.39 -20.41
N ALA C 40 2.96 19.65 -19.97
CA ALA C 40 2.55 19.99 -18.61
C ALA C 40 1.03 20.19 -18.69
N GLU C 41 0.30 19.37 -17.94
CA GLU C 41 -1.17 19.42 -17.94
C GLU C 41 -1.82 20.68 -17.39
N ASP C 42 -1.25 21.29 -16.36
CA ASP C 42 -1.84 22.50 -15.80
C ASP C 42 -1.62 23.68 -16.76
N ILE C 43 -0.64 23.54 -17.64
CA ILE C 43 -0.34 24.57 -18.63
C ILE C 43 -1.34 24.46 -19.78
N VAL C 44 -1.78 23.24 -20.04
CA VAL C 44 -2.75 23.00 -21.09
C VAL C 44 -4.11 23.51 -20.65
N LYS C 45 -4.48 23.23 -19.39
CA LYS C 45 -5.76 23.70 -18.85
C LYS C 45 -5.76 25.22 -18.81
N PHE C 46 -4.62 25.79 -18.44
CA PHE C 46 -4.47 27.23 -18.37
C PHE C 46 -4.72 27.85 -19.73
N ALA C 47 -4.11 27.26 -20.76
CA ALA C 47 -4.26 27.76 -22.13
C ALA C 47 -5.64 27.48 -22.70
N MET C 48 -6.33 26.51 -22.12
CA MET C 48 -7.68 26.21 -22.57
C MET C 48 -8.62 27.27 -22.00
N GLU C 49 -8.56 27.45 -20.68
CA GLU C 49 -9.40 28.41 -19.98
C GLU C 49 -9.31 29.82 -20.56
N GLN C 50 -8.15 30.17 -21.12
CA GLN C 50 -7.96 31.49 -21.73
C GLN C 50 -8.62 31.56 -23.10
N LEU C 51 -8.75 30.40 -23.74
CA LEU C 51 -9.37 30.33 -25.06
C LEU C 51 -10.88 30.20 -24.95
N PHE C 52 -11.33 29.64 -23.82
CA PHE C 52 -12.75 29.48 -23.55
C PHE C 52 -13.34 30.80 -23.08
N ALA C 53 -12.50 31.60 -22.45
CA ALA C 53 -12.90 32.91 -21.94
C ALA C 53 -13.62 33.72 -23.03
N GLY C 54 -14.88 34.05 -22.78
CA GLY C 54 -15.64 34.81 -23.74
C GLY C 54 -16.58 33.98 -24.60
N THR C 55 -16.27 32.70 -24.78
CA THR C 55 -17.12 31.82 -25.57
C THR C 55 -18.05 31.04 -24.65
N ILE C 56 -19.05 30.38 -25.22
CA ILE C 56 -20.02 29.60 -24.44
C ILE C 56 -19.40 28.53 -23.55
N ALA C 57 -18.12 28.22 -23.78
CA ALA C 57 -17.43 27.19 -22.99
C ALA C 57 -16.76 27.71 -21.72
N GLU C 58 -16.88 29.01 -21.48
CA GLU C 58 -16.28 29.61 -20.30
C GLU C 58 -16.78 28.91 -19.03
N GLY C 59 -15.86 28.52 -18.16
CA GLY C 59 -16.24 27.88 -16.91
C GLY C 59 -16.34 26.36 -16.97
N ALA C 60 -16.33 25.78 -18.16
CA ALA C 60 -16.43 24.34 -18.33
C ALA C 60 -15.46 23.58 -17.42
N GLU C 61 -15.94 22.49 -16.82
CA GLU C 61 -15.12 21.66 -15.94
C GLU C 61 -14.16 20.83 -16.79
N ILE C 62 -12.88 20.95 -16.52
CA ILE C 62 -11.85 20.23 -17.29
C ILE C 62 -11.22 19.02 -16.59
N GLU C 63 -11.45 17.84 -17.15
CA GLU C 63 -10.88 16.62 -16.61
C GLU C 63 -9.88 16.00 -17.58
N PHE C 64 -8.79 15.51 -17.01
CA PHE C 64 -7.74 14.87 -17.79
C PHE C 64 -7.58 13.43 -17.37
N VAL C 65 -7.50 12.53 -18.34
CA VAL C 65 -7.35 11.11 -18.06
C VAL C 65 -6.10 10.59 -18.77
N GLU C 66 -5.12 10.12 -18.01
CA GLU C 66 -3.89 9.61 -18.60
C GLU C 66 -4.18 8.35 -19.44
N GLU C 67 -3.54 8.28 -20.60
CA GLU C 67 -3.68 7.13 -21.48
C GLU C 67 -2.35 6.41 -21.37
N GLU C 68 -2.34 5.30 -20.64
CA GLU C 68 -1.10 4.56 -20.45
C GLU C 68 -0.50 4.02 -21.74
N ALA C 69 0.83 4.06 -21.79
CA ALA C 69 1.57 3.58 -22.94
C ALA C 69 1.55 2.06 -23.00
N VAL C 70 1.48 1.55 -24.22
CA VAL C 70 1.47 0.11 -24.45
C VAL C 70 2.26 -0.11 -25.73
N PHE C 71 3.21 -1.04 -25.68
CA PHE C 71 4.02 -1.32 -26.85
C PHE C 71 3.72 -2.73 -27.33
N LYS C 72 3.89 -2.94 -28.64
CA LYS C 72 3.68 -4.24 -29.22
C LYS C 72 4.90 -4.61 -30.03
N CYS C 73 5.65 -5.57 -29.54
CA CYS C 73 6.84 -6.04 -30.21
C CYS C 73 6.44 -6.63 -31.55
N ARG C 74 7.10 -6.23 -32.62
CA ARG C 74 6.77 -6.74 -33.94
C ARG C 74 7.58 -7.99 -34.30
N ASN C 75 8.33 -8.47 -33.31
CA ASN C 75 9.16 -9.66 -33.45
C ASN C 75 8.42 -10.87 -32.88
N CYS C 76 7.90 -10.71 -31.66
CA CYS C 76 7.17 -11.78 -31.00
C CYS C 76 5.74 -11.31 -30.71
N ASN C 77 5.33 -10.26 -31.41
CA ASN C 77 4.01 -9.66 -31.29
C ASN C 77 3.42 -9.69 -29.88
N TYR C 78 4.31 -9.48 -28.90
CA TYR C 78 3.91 -9.46 -27.50
C TYR C 78 3.61 -8.03 -27.06
N GLU C 79 2.48 -7.85 -26.40
CA GLU C 79 2.10 -6.54 -25.93
C GLU C 79 2.37 -6.42 -24.44
N TRP C 80 2.93 -5.30 -24.03
CA TRP C 80 3.23 -5.05 -22.62
C TRP C 80 3.14 -3.56 -22.34
N LYS C 81 2.89 -3.22 -21.07
CA LYS C 81 2.78 -1.82 -20.66
C LYS C 81 3.95 -1.51 -19.75
N LEU C 82 4.18 -0.22 -19.51
CA LEU C 82 5.28 0.22 -18.67
C LEU C 82 5.18 -0.28 -17.23
N LYS C 83 4.34 -1.29 -17.01
CA LYS C 83 4.13 -1.88 -15.70
C LYS C 83 5.39 -2.56 -15.18
N GLU C 84 6.09 -3.25 -16.07
CA GLU C 84 7.31 -3.98 -15.72
C GLU C 84 8.42 -3.07 -15.22
N VAL C 85 8.36 -1.78 -15.58
CA VAL C 85 9.36 -0.82 -15.14
C VAL C 85 9.31 -0.69 -13.61
N LYS C 86 8.12 -0.83 -13.06
CA LYS C 86 7.92 -0.75 -11.62
C LYS C 86 8.77 -1.85 -10.97
N ASP C 87 8.86 -2.98 -11.66
CA ASP C 87 9.63 -4.13 -11.18
C ASP C 87 11.13 -3.81 -11.22
N LYS C 88 11.54 -2.96 -12.16
CA LYS C 88 12.93 -2.57 -12.27
C LYS C 88 13.31 -1.81 -11.00
N PHE C 89 12.36 -1.01 -10.51
CA PHE C 89 12.54 -0.20 -9.31
C PHE C 89 13.14 -0.99 -8.16
N VAL C 104 20.11 2.80 0.44
CA VAL C 104 18.67 3.00 0.56
C VAL C 104 18.33 3.61 1.91
N HIS C 105 19.26 4.41 2.44
CA HIS C 105 19.08 5.07 3.73
C HIS C 105 18.22 6.32 3.59
N ALA C 106 17.14 6.20 2.81
CA ALA C 106 16.22 7.29 2.58
C ALA C 106 15.46 7.62 3.87
N PHE C 107 16.04 8.52 4.66
CA PHE C 107 15.45 8.92 5.92
C PHE C 107 16.04 10.27 6.35
N LEU C 108 15.17 11.26 6.53
CA LEU C 108 15.59 12.59 6.92
C LEU C 108 14.59 13.27 7.86
N ALA C 109 15.10 14.19 8.71
CA ALA C 109 14.28 14.95 9.65
C ALA C 109 14.81 16.39 9.68
N CYS C 110 13.95 17.35 10.04
CA CYS C 110 14.33 18.77 10.02
C CYS C 110 15.72 18.96 9.46
N PRO C 111 15.82 18.89 8.13
CA PRO C 111 16.99 19.02 7.26
C PRO C 111 17.75 20.33 7.46
N LYS C 112 17.41 21.04 8.52
CA LYS C 112 18.05 22.31 8.85
C LYS C 112 19.17 22.10 9.84
N CYS C 113 18.85 21.35 10.90
CA CYS C 113 19.76 21.04 11.99
C CYS C 113 20.12 19.56 11.97
N GLY C 114 19.09 18.74 12.14
CA GLY C 114 19.24 17.30 12.21
C GLY C 114 18.00 16.81 12.93
N SER C 115 17.92 17.24 14.18
CA SER C 115 16.78 16.98 15.06
C SER C 115 16.20 15.60 14.81
N HIS C 116 14.99 15.40 15.33
CA HIS C 116 14.28 14.14 15.20
C HIS C 116 12.98 14.41 15.95
N ASP C 117 12.91 15.63 16.49
CA ASP C 117 11.76 16.09 17.26
C ASP C 117 10.98 17.16 16.52
N PHE C 118 9.97 16.73 15.77
CA PHE C 118 9.11 17.63 15.02
C PHE C 118 7.69 17.06 15.08
N GLU C 119 6.70 17.94 15.09
CA GLU C 119 5.32 17.50 15.14
C GLU C 119 4.64 17.73 13.81
N VAL C 120 3.47 17.14 13.62
CA VAL C 120 2.75 17.25 12.36
C VAL C 120 1.66 18.32 12.34
N VAL C 121 1.94 19.43 11.66
CA VAL C 121 1.01 20.54 11.52
C VAL C 121 -0.19 20.13 10.67
N LYS C 122 0.08 19.42 9.58
CA LYS C 122 -0.97 18.93 8.69
C LYS C 122 -0.69 17.48 8.32
N GLY C 123 -1.74 16.70 8.10
CA GLY C 123 -1.53 15.31 7.76
C GLY C 123 -2.74 14.40 7.83
N ARG C 124 -2.89 13.70 8.95
CA ARG C 124 -4.00 12.78 9.13
C ARG C 124 -5.40 13.38 9.00
N GLY C 125 -5.62 14.55 9.60
CA GLY C 125 -6.92 15.19 9.55
C GLY C 125 -7.79 15.00 8.31
N VAL C 126 -9.00 14.49 8.51
CA VAL C 126 -9.96 14.27 7.43
C VAL C 126 -11.18 15.16 7.68
N TYR C 127 -11.65 15.84 6.63
CA TYR C 127 -12.80 16.72 6.77
C TYR C 127 -13.58 16.97 5.50
N VAL C 128 -14.81 17.45 5.68
CA VAL C 128 -15.73 17.78 4.61
C VAL C 128 -15.76 19.31 4.50
N ALA C 129 -14.93 19.85 3.60
CA ALA C 129 -14.80 21.29 3.42
C ALA C 129 -15.89 21.94 2.59
N GLY C 130 -16.45 21.21 1.65
CA GLY C 130 -17.48 21.81 0.82
C GLY C 130 -18.70 20.95 0.60
N ILE C 131 -19.83 21.63 0.43
CA ILE C 131 -21.12 20.99 0.16
C ILE C 131 -21.89 22.02 -0.65
N LYS C 132 -22.29 21.68 -1.86
CA LYS C 132 -23.05 22.64 -2.65
C LYS C 132 -24.51 22.21 -2.53
N ILE C 133 -25.42 23.17 -2.44
CA ILE C 133 -26.83 22.82 -2.31
C ILE C 133 -27.77 23.72 -3.07
N GLU C 134 -29.04 23.35 -3.04
CA GLU C 134 -30.10 24.08 -3.70
C GLU C 134 -31.23 24.27 -2.70
N LYS C 135 -31.80 25.47 -2.68
CA LYS C 135 -32.88 25.75 -1.75
C LYS C 135 -33.82 26.84 -2.25
N GLU C 136 -34.98 26.92 -1.61
CA GLU C 136 -36.00 27.91 -1.92
C GLU C 136 -36.39 28.53 -0.59
N GLY C 137 -36.40 29.86 -0.54
CA GLY C 137 -36.77 30.56 0.68
C GLY C 137 -38.12 31.23 0.55
N GLU D 3 -13.19 2.34 6.06
CA GLU D 3 -13.64 3.35 5.06
C GLU D 3 -15.15 3.49 5.11
N TRP D 4 -15.80 2.77 6.00
CA TRP D 4 -17.26 2.92 6.07
C TRP D 4 -17.65 3.99 7.06
N ALA D 5 -17.10 3.94 8.26
CA ALA D 5 -17.44 4.98 9.22
C ALA D 5 -16.96 6.29 8.61
N LEU D 6 -15.81 6.24 7.97
CA LEU D 6 -15.22 7.43 7.34
C LEU D 6 -16.15 8.01 6.27
N ALA D 7 -17.14 7.22 5.86
CA ALA D 7 -18.11 7.67 4.87
C ALA D 7 -19.38 8.00 5.63
N ASP D 8 -19.70 7.16 6.62
CA ASP D 8 -20.88 7.36 7.45
C ASP D 8 -20.76 8.71 8.15
N ALA D 9 -19.60 8.92 8.78
CA ALA D 9 -19.34 10.17 9.48
C ALA D 9 -19.51 11.31 8.50
N ILE D 10 -18.91 11.16 7.31
CA ILE D 10 -19.02 12.18 6.28
C ILE D 10 -20.49 12.46 5.97
N VAL D 11 -21.25 11.40 5.72
CA VAL D 11 -22.68 11.52 5.43
C VAL D 11 -23.39 12.22 6.58
N ARG D 12 -23.00 11.90 7.80
CA ARG D 12 -23.58 12.53 8.99
C ARG D 12 -23.36 14.04 8.85
N THR D 13 -22.10 14.42 8.68
CA THR D 13 -21.73 15.81 8.50
C THR D 13 -22.60 16.44 7.42
N VAL D 14 -22.66 15.78 6.28
CA VAL D 14 -23.43 16.24 5.13
C VAL D 14 -24.90 16.55 5.37
N LEU D 15 -25.66 15.55 5.84
CA LEU D 15 -27.09 15.76 6.07
C LEU D 15 -27.48 16.60 7.28
N ASP D 16 -26.66 16.61 8.31
CA ASP D 16 -26.96 17.44 9.48
C ASP D 16 -26.96 18.87 8.99
N TYR D 17 -26.23 19.08 7.90
CA TYR D 17 -26.11 20.39 7.27
C TYR D 17 -27.30 20.64 6.35
N ALA D 18 -27.73 19.60 5.64
CA ALA D 18 -28.87 19.72 4.73
C ALA D 18 -30.16 19.69 5.55
N GLN D 19 -30.04 19.30 6.82
CA GLN D 19 -31.19 19.25 7.71
C GLN D 19 -31.41 20.63 8.30
N ARG D 20 -30.33 21.25 8.76
CA ARG D 20 -30.41 22.58 9.35
C ARG D 20 -30.41 23.66 8.27
N GLU D 21 -30.47 23.24 7.02
CA GLU D 21 -30.50 24.17 5.90
C GLU D 21 -31.78 23.98 5.10
N GLY D 22 -32.56 23.00 5.52
CA GLY D 22 -33.80 22.74 4.80
C GLY D 22 -33.53 22.68 3.32
N ALA D 23 -32.53 21.89 2.93
CA ALA D 23 -32.20 21.73 1.53
C ALA D 23 -33.16 20.69 0.96
N SER D 24 -33.40 20.76 -0.34
CA SER D 24 -34.32 19.84 -1.00
C SER D 24 -33.60 18.62 -1.53
N ARG D 25 -32.32 18.79 -1.82
CA ARG D 25 -31.48 17.72 -2.36
C ARG D 25 -30.02 18.14 -2.23
N VAL D 26 -29.20 17.32 -1.58
CA VAL D 26 -27.78 17.65 -1.44
C VAL D 26 -27.17 17.54 -2.83
N LYS D 27 -26.25 18.44 -3.14
CA LYS D 27 -25.64 18.47 -4.46
C LYS D 27 -24.25 17.84 -4.62
N ALA D 28 -23.21 18.52 -4.18
CA ALA D 28 -21.85 18.00 -4.31
C ALA D 28 -21.08 18.20 -3.02
N VAL D 29 -20.40 17.15 -2.57
CA VAL D 29 -19.64 17.22 -1.34
C VAL D 29 -18.15 16.99 -1.59
N ARG D 30 -17.35 18.02 -1.33
CA ARG D 30 -15.91 17.93 -1.52
C ARG D 30 -15.20 17.58 -0.23
N VAL D 31 -14.70 16.35 -0.16
CA VAL D 31 -14.01 15.87 1.03
C VAL D 31 -12.50 15.96 0.93
N VAL D 32 -11.88 16.37 2.03
CA VAL D 32 -10.44 16.51 2.08
C VAL D 32 -9.80 15.46 2.98
N LEU D 33 -8.81 14.76 2.42
CA LEU D 33 -8.07 13.75 3.15
C LEU D 33 -6.59 14.04 2.99
N GLY D 34 -5.88 14.11 4.11
CA GLY D 34 -4.45 14.39 4.04
C GLY D 34 -3.73 13.23 3.38
N GLU D 35 -2.59 13.51 2.76
CA GLU D 35 -1.84 12.47 2.11
C GLU D 35 -1.28 11.46 3.10
N LEU D 36 -1.36 11.79 4.40
CA LEU D 36 -0.84 10.91 5.42
C LEU D 36 -1.77 9.82 5.87
N GLN D 37 -3.02 9.86 5.41
CA GLN D 37 -4.00 8.84 5.80
C GLN D 37 -3.87 7.65 4.89
N ASP D 38 -4.37 6.52 5.38
CA ASP D 38 -4.24 5.27 4.64
C ASP D 38 -5.54 4.64 4.17
N VAL D 39 -6.58 5.44 3.99
CA VAL D 39 -7.86 4.90 3.56
C VAL D 39 -8.08 4.79 2.06
N ALA D 40 -8.66 3.67 1.65
CA ALA D 40 -8.96 3.41 0.25
C ALA D 40 -10.14 4.31 -0.10
N GLU D 41 -9.90 5.25 -1.02
CA GLU D 41 -10.92 6.22 -1.43
C GLU D 41 -12.12 5.73 -2.23
N ASP D 42 -11.90 4.82 -3.17
CA ASP D 42 -12.99 4.30 -3.98
C ASP D 42 -14.00 3.55 -3.14
N ILE D 43 -13.53 3.00 -2.02
CA ILE D 43 -14.40 2.26 -1.11
C ILE D 43 -15.29 3.24 -0.35
N VAL D 44 -14.72 4.36 0.06
CA VAL D 44 -15.47 5.38 0.78
C VAL D 44 -16.65 5.81 -0.07
N LYS D 45 -16.38 6.12 -1.34
CA LYS D 45 -17.42 6.53 -2.26
C LYS D 45 -18.55 5.53 -2.39
N PHE D 46 -18.25 4.27 -2.67
CA PHE D 46 -19.31 3.29 -2.78
C PHE D 46 -20.09 3.36 -1.48
N ALA D 47 -19.36 3.33 -0.37
CA ALA D 47 -19.95 3.40 0.97
C ALA D 47 -20.90 4.59 1.04
N MET D 48 -20.44 5.71 0.50
CA MET D 48 -21.23 6.93 0.50
C MET D 48 -22.47 6.82 -0.36
N GLU D 49 -22.28 6.40 -1.61
CA GLU D 49 -23.39 6.25 -2.54
C GLU D 49 -24.53 5.37 -2.00
N GLN D 50 -24.20 4.38 -1.19
CA GLN D 50 -25.21 3.49 -0.61
C GLN D 50 -26.07 4.26 0.38
N LEU D 51 -25.42 4.97 1.30
CA LEU D 51 -26.11 5.77 2.30
C LEU D 51 -26.91 6.88 1.63
N PHE D 52 -26.36 7.42 0.55
CA PHE D 52 -27.01 8.49 -0.20
C PHE D 52 -28.25 8.02 -0.96
N ALA D 53 -28.19 6.79 -1.48
CA ALA D 53 -29.31 6.23 -2.24
C ALA D 53 -30.62 6.39 -1.49
N GLY D 54 -31.64 6.86 -2.20
CA GLY D 54 -32.93 7.05 -1.57
C GLY D 54 -33.06 8.42 -0.92
N THR D 55 -31.93 9.05 -0.63
CA THR D 55 -31.97 10.36 0.00
C THR D 55 -31.95 11.44 -1.06
N ILE D 56 -31.92 12.68 -0.58
CA ILE D 56 -31.89 13.84 -1.45
C ILE D 56 -30.43 14.05 -1.84
N ALA D 57 -29.56 13.17 -1.35
CA ALA D 57 -28.15 13.29 -1.65
C ALA D 57 -27.71 12.47 -2.85
N GLU D 58 -28.53 11.52 -3.29
CA GLU D 58 -28.17 10.71 -4.44
C GLU D 58 -27.89 11.61 -5.61
N GLY D 59 -26.91 11.24 -6.43
CA GLY D 59 -26.55 12.05 -7.58
C GLY D 59 -25.51 13.10 -7.20
N ALA D 60 -25.15 13.12 -5.93
CA ALA D 60 -24.17 14.08 -5.44
C ALA D 60 -22.79 13.80 -6.03
N GLU D 61 -22.27 14.78 -6.77
CA GLU D 61 -20.95 14.64 -7.38
C GLU D 61 -19.90 14.68 -6.27
N ILE D 62 -19.17 13.59 -6.10
CA ILE D 62 -18.13 13.53 -5.07
C ILE D 62 -16.73 13.76 -5.60
N GLU D 63 -15.94 14.47 -4.80
CA GLU D 63 -14.57 14.79 -5.15
C GLU D 63 -13.69 14.81 -3.90
N PHE D 64 -12.70 13.94 -3.87
CA PHE D 64 -11.77 13.90 -2.75
C PHE D 64 -10.62 14.83 -3.12
N VAL D 65 -10.10 15.53 -2.13
CA VAL D 65 -8.99 16.44 -2.39
C VAL D 65 -7.85 16.19 -1.42
N GLU D 66 -6.76 15.61 -1.91
CA GLU D 66 -5.64 15.38 -1.02
C GLU D 66 -5.10 16.71 -0.56
N GLU D 67 -4.65 16.75 0.68
CA GLU D 67 -4.05 17.96 1.22
C GLU D 67 -2.79 17.47 1.92
N GLU D 68 -1.72 17.46 1.13
CA GLU D 68 -0.39 17.04 1.55
C GLU D 68 0.06 17.22 3.00
N ALA D 69 1.16 16.55 3.32
CA ALA D 69 1.76 16.54 4.65
C ALA D 69 2.81 17.61 4.86
N VAL D 70 2.72 18.29 6.00
CA VAL D 70 3.66 19.35 6.35
C VAL D 70 3.87 19.37 7.86
N PHE D 71 5.12 19.26 8.30
CA PHE D 71 5.42 19.29 9.72
C PHE D 71 6.35 20.46 10.05
N LYS D 72 6.37 20.85 11.33
CA LYS D 72 7.21 21.94 11.80
C LYS D 72 8.16 21.42 12.87
N CYS D 73 9.40 21.93 12.91
CA CYS D 73 10.38 21.50 13.92
C CYS D 73 10.29 22.48 15.08
N ARG D 74 9.77 22.04 16.22
CA ARG D 74 9.66 22.92 17.38
C ARG D 74 11.05 23.44 17.72
N ASN D 75 12.01 22.51 17.72
CA ASN D 75 13.40 22.79 18.03
C ASN D 75 14.06 23.82 17.11
N CYS D 76 13.66 23.84 15.84
CA CYS D 76 14.21 24.77 14.87
C CYS D 76 13.21 25.79 14.42
N ASN D 77 11.98 25.32 14.28
CA ASN D 77 10.86 26.13 13.85
C ASN D 77 10.77 26.05 12.33
N TYR D 78 11.81 25.48 11.70
CA TYR D 78 11.82 25.35 10.24
C TYR D 78 10.70 24.40 9.84
N GLU D 79 9.66 24.96 9.24
CA GLU D 79 8.51 24.20 8.77
C GLU D 79 8.80 23.74 7.35
N TRP D 80 8.37 22.52 7.01
CA TRP D 80 8.63 22.00 5.66
C TRP D 80 7.58 21.04 5.09
N LYS D 81 7.57 20.90 3.76
CA LYS D 81 6.62 20.04 3.07
C LYS D 81 7.32 18.75 2.63
N LEU D 82 6.58 17.65 2.61
CA LEU D 82 7.15 16.37 2.23
C LEU D 82 7.82 16.44 0.86
N LYS D 83 7.39 17.37 0.02
CA LYS D 83 7.97 17.54 -1.30
C LYS D 83 9.45 17.90 -1.16
N GLU D 84 9.83 18.37 0.02
CA GLU D 84 11.23 18.70 0.29
C GLU D 84 11.96 17.38 0.40
N VAL D 85 11.27 16.37 0.92
CA VAL D 85 11.84 15.04 1.05
C VAL D 85 11.85 14.46 -0.36
N LYS D 86 10.93 14.96 -1.18
CA LYS D 86 10.79 14.56 -2.58
C LYS D 86 12.05 14.91 -3.37
N ASP D 87 12.86 15.82 -2.83
CA ASP D 87 14.09 16.25 -3.48
C ASP D 87 15.12 15.13 -3.44
N LYS D 88 15.16 14.39 -2.33
CA LYS D 88 16.10 13.28 -2.19
C LYS D 88 15.80 12.24 -3.27
N PHE D 89 14.76 12.50 -4.05
CA PHE D 89 14.39 11.62 -5.15
C PHE D 89 15.34 11.97 -6.29
N ASP D 90 15.75 13.23 -6.33
CA ASP D 90 16.67 13.75 -7.34
C ASP D 90 18.12 13.40 -7.01
N GLU D 91 18.41 13.20 -5.73
CA GLU D 91 19.76 12.83 -5.29
C GLU D 91 20.01 11.40 -5.77
N ARG D 92 18.95 10.61 -5.81
CA ARG D 92 19.04 9.22 -6.26
C ARG D 92 19.38 9.20 -7.76
N ILE D 93 18.74 10.08 -8.52
CA ILE D 93 18.97 10.18 -9.95
C ILE D 93 20.31 10.84 -10.26
N GLU D 102 22.85 3.59 -19.15
CA GLU D 102 22.97 2.39 -19.95
C GLU D 102 22.23 1.21 -19.30
N VAL D 103 22.34 1.11 -17.98
CA VAL D 103 21.69 0.02 -17.25
C VAL D 103 20.19 -0.02 -17.51
N VAL D 104 19.49 1.05 -17.17
CA VAL D 104 18.05 1.11 -17.35
C VAL D 104 17.64 1.07 -18.83
N HIS D 105 18.34 1.80 -19.69
CA HIS D 105 17.99 1.81 -21.11
C HIS D 105 18.19 0.44 -21.76
N ALA D 106 19.03 -0.39 -21.13
CA ALA D 106 19.30 -1.73 -21.64
C ALA D 106 18.13 -2.68 -21.31
N PHE D 107 17.29 -2.24 -20.39
CA PHE D 107 16.12 -3.03 -19.97
C PHE D 107 14.83 -2.31 -20.38
N LEU D 108 14.78 -1.86 -21.63
CA LEU D 108 13.62 -1.16 -22.17
C LEU D 108 13.26 -1.87 -23.47
N ALA D 109 13.67 -3.13 -23.56
CA ALA D 109 13.43 -3.97 -24.73
C ALA D 109 12.25 -4.89 -24.41
N CYS D 110 11.81 -5.65 -25.41
CA CYS D 110 10.69 -6.55 -25.20
C CYS D 110 11.06 -7.43 -24.02
N PRO D 111 10.13 -7.61 -23.06
CA PRO D 111 10.40 -8.44 -21.88
C PRO D 111 10.28 -9.94 -22.14
N LYS D 112 9.50 -10.33 -23.13
CA LYS D 112 9.32 -11.74 -23.45
C LYS D 112 10.56 -12.26 -24.16
N CYS D 113 10.80 -11.75 -25.36
CA CYS D 113 11.96 -12.13 -26.16
C CYS D 113 13.00 -11.04 -25.96
N GLY D 114 13.84 -10.81 -26.96
CA GLY D 114 14.84 -9.77 -26.80
C GLY D 114 14.43 -8.54 -27.55
N SER D 115 14.17 -8.70 -28.83
CA SER D 115 13.59 -7.63 -29.60
C SER D 115 14.37 -6.35 -29.56
N HIS D 116 13.59 -5.34 -29.21
CA HIS D 116 13.94 -3.95 -29.21
C HIS D 116 13.32 -3.31 -30.43
N ASP D 117 12.60 -4.09 -31.21
CA ASP D 117 11.81 -3.48 -32.25
C ASP D 117 10.42 -3.62 -31.72
N PHE D 118 9.74 -2.50 -31.58
CA PHE D 118 8.40 -2.49 -31.03
C PHE D 118 7.58 -1.37 -31.62
N GLU D 119 6.27 -1.51 -31.53
CA GLU D 119 5.39 -0.49 -32.05
C GLU D 119 4.59 0.11 -30.91
N VAL D 120 4.56 1.43 -30.81
CA VAL D 120 3.74 2.07 -29.78
C VAL D 120 2.28 2.10 -30.23
N VAL D 121 1.39 1.56 -29.40
CA VAL D 121 -0.03 1.54 -29.70
C VAL D 121 -0.75 2.56 -28.83
N LYS D 122 -1.05 2.17 -27.59
CA LYS D 122 -1.72 3.09 -26.66
C LYS D 122 -0.69 4.12 -26.20
N GLY D 123 -1.18 5.31 -25.84
CA GLY D 123 -0.28 6.36 -25.41
C GLY D 123 0.21 7.11 -26.63
N ARG D 124 0.95 8.19 -26.40
CA ARG D 124 1.47 9.01 -27.49
C ARG D 124 0.32 9.67 -28.24
N GLY D 125 -0.88 9.55 -27.69
CA GLY D 125 -2.04 10.16 -28.31
C GLY D 125 -2.80 11.04 -27.35
N VAL D 126 -3.35 12.12 -27.88
CA VAL D 126 -4.14 13.05 -27.09
C VAL D 126 -5.39 13.37 -27.90
N TYR D 127 -6.53 13.29 -27.26
CA TYR D 127 -7.80 13.56 -27.94
C TYR D 127 -8.92 13.89 -26.95
N VAL D 128 -10.00 14.46 -27.49
CA VAL D 128 -11.17 14.84 -26.71
C VAL D 128 -12.07 13.62 -26.52
N ALA D 129 -11.98 13.00 -25.36
CA ALA D 129 -12.76 11.81 -25.05
C ALA D 129 -14.20 12.09 -24.62
N GLY D 130 -14.48 13.32 -24.21
CA GLY D 130 -15.83 13.62 -23.77
C GLY D 130 -16.18 15.09 -23.72
N ILE D 131 -17.43 15.39 -24.07
CA ILE D 131 -17.91 16.76 -24.06
C ILE D 131 -19.35 16.75 -23.56
N LYS D 132 -19.63 17.61 -22.59
CA LYS D 132 -20.97 17.73 -22.01
C LYS D 132 -21.52 19.12 -22.29
N ILE D 133 -22.60 19.18 -23.05
CA ILE D 133 -23.22 20.45 -23.41
C ILE D 133 -24.65 20.59 -22.92
N GLU D 134 -25.19 21.80 -23.10
CA GLU D 134 -26.56 22.10 -22.72
C GLU D 134 -27.30 22.46 -24.00
N LYS D 135 -28.45 21.82 -24.19
CA LYS D 135 -29.25 22.05 -25.37
C LYS D 135 -30.74 22.10 -25.03
N GLU D 136 -31.45 22.99 -25.70
CA GLU D 136 -32.88 23.12 -25.49
C GLU D 136 -33.57 23.06 -26.83
N GLY D 137 -34.58 22.21 -26.95
CA GLY D 137 -35.29 22.09 -28.21
C GLY D 137 -36.75 21.74 -28.05
#